data_2Y3W
#
_entry.id   2Y3W
#
_cell.length_a   79.360
_cell.length_b   79.360
_cell.length_c   79.370
_cell.angle_alpha   90.00
_cell.angle_beta   90.00
_cell.angle_gamma   120.00
#
_symmetry.space_group_name_H-M   'P 32'
#
loop_
_entity.id
_entity.type
_entity.pdbx_description
1 polymer 'SPINDLE ASSEMBLY ABNORMAL PROTEIN 6 HOMOLOG'
2 water water
#
_entity_poly.entity_id   1
_entity_poly.type   'polypeptide(L)'
_entity_poly.pdbx_seq_one_letter_code
;GPHMTELLFNKRLQVLVKSKDTDERRSVIRVSIELQLPSSPVHRKDLVVRLTDDTDLYFLYNLIISEEDFQSLKVQQGLL
IDFTSFPQKFIDLLEQCICEQDKENPRFLLQLSSSSSAFDHSPSNLNIVETNADKHLTHLSLKLLPGSDTDIKKYLASCL
SSVKEEKQQLQQKLRKTEEDLT
;
_entity_poly.pdbx_strand_id   A,B,C
#
# COMPACT_ATOMS: atom_id res chain seq x y z
N PRO A 2 14.23 -1.14 5.64
CA PRO A 2 14.34 -1.05 7.09
C PRO A 2 13.74 0.24 7.64
N HIS A 3 12.48 0.50 7.28
CA HIS A 3 11.78 1.69 7.75
C HIS A 3 10.78 1.31 8.84
N MET A 4 11.17 1.49 10.10
CA MET A 4 10.31 1.12 11.22
C MET A 4 9.38 2.25 11.66
N THR A 5 8.22 1.88 12.20
CA THR A 5 7.20 2.84 12.60
C THR A 5 6.52 2.41 13.90
N GLU A 6 5.99 3.39 14.65
CA GLU A 6 5.22 3.13 15.86
C GLU A 6 4.08 4.16 16.00
N LEU A 7 2.86 3.66 16.14
CA LEU A 7 1.65 4.48 16.05
C LEU A 7 1.17 5.08 17.38
N LEU A 8 1.53 6.33 17.65
CA LEU A 8 1.24 6.96 18.94
C LEU A 8 -0.20 7.49 19.11
N PHE A 9 -0.82 7.95 18.03
CA PHE A 9 -2.13 8.58 18.08
C PHE A 9 -2.75 8.57 16.70
N ASN A 10 -4.04 8.26 16.64
CA ASN A 10 -4.79 8.33 15.40
C ASN A 10 -6.28 8.44 15.73
N LYS A 11 -6.83 9.65 15.63
CA LYS A 11 -8.22 9.89 15.99
C LYS A 11 -8.85 10.94 15.11
N ARG A 12 -10.19 10.99 15.13
CA ARG A 12 -10.95 12.00 14.41
C ARG A 12 -11.12 13.23 15.29
N LEU A 13 -10.85 14.41 14.73
CA LEU A 13 -11.00 15.67 15.43
C LEU A 13 -11.80 16.64 14.59
N GLN A 14 -12.62 17.44 15.25
CA GLN A 14 -13.31 18.53 14.61
C GLN A 14 -12.36 19.73 14.47
N VAL A 15 -12.21 20.20 13.23
CA VAL A 15 -11.20 21.19 12.93
C VAL A 15 -11.81 22.36 12.17
N LEU A 16 -11.51 23.58 12.63
CA LEU A 16 -11.88 24.78 11.90
C LEU A 16 -10.86 24.97 10.78
N VAL A 17 -11.29 24.74 9.54
CA VAL A 17 -10.41 24.77 8.39
C VAL A 17 -10.59 26.02 7.54
N LYS A 18 -9.56 26.85 7.49
CA LYS A 18 -9.54 27.99 6.58
C LYS A 18 -8.55 27.73 5.46
N SER A 19 -9.08 27.43 4.27
CA SER A 19 -8.26 27.06 3.12
C SER A 19 -7.89 28.29 2.29
N LYS A 20 -6.95 28.10 1.37
CA LYS A 20 -6.50 29.21 0.52
C LYS A 20 -7.64 29.79 -0.32
N ASP A 21 -8.06 31.00 0.04
CA ASP A 21 -9.15 31.69 -0.64
C ASP A 21 -10.51 30.98 -0.51
N THR A 22 -10.71 30.33 0.64
CA THR A 22 -11.97 29.66 0.92
C THR A 22 -12.47 30.07 2.30
N ASP A 23 -13.78 30.22 2.44
CA ASP A 23 -14.37 30.62 3.71
C ASP A 23 -14.22 29.49 4.74
N GLU A 24 -14.16 29.87 6.01
CA GLU A 24 -13.99 28.92 7.10
C GLU A 24 -14.94 27.73 6.95
N ARG A 25 -14.58 26.62 7.58
CA ARG A 25 -15.39 25.41 7.51
C ARG A 25 -15.00 24.47 8.63
N ARG A 26 -15.99 23.82 9.23
CA ARG A 26 -15.73 22.86 10.28
C ARG A 26 -15.76 21.46 9.68
N SER A 27 -14.65 20.74 9.79
CA SER A 27 -14.53 19.43 9.16
C SER A 27 -13.98 18.43 10.15
N VAL A 28 -14.27 17.15 9.90
CA VAL A 28 -13.68 16.08 10.68
C VAL A 28 -12.40 15.66 9.98
N ILE A 29 -11.29 15.79 10.70
CA ILE A 29 -9.98 15.48 10.14
C ILE A 29 -9.34 14.41 11.00
N ARG A 30 -8.72 13.43 10.35
CA ARG A 30 -8.01 12.38 11.06
C ARG A 30 -6.60 12.85 11.37
N VAL A 31 -6.26 12.86 12.65
CA VAL A 31 -4.96 13.34 13.09
C VAL A 31 -4.14 12.15 13.52
N SER A 32 -3.01 11.95 12.87
CA SER A 32 -2.12 10.83 13.15
C SER A 32 -0.76 11.29 13.64
N ILE A 33 -0.29 10.65 14.70
CA ILE A 33 1.07 10.88 15.18
C ILE A 33 1.82 9.57 15.26
N GLU A 34 2.97 9.50 14.59
CA GLU A 34 3.72 8.27 14.52
C GLU A 34 5.21 8.52 14.70
N LEU A 35 5.90 7.54 15.27
CA LEU A 35 7.36 7.51 15.26
C LEU A 35 7.85 6.66 14.09
N GLN A 36 8.91 7.11 13.42
CA GLN A 36 9.51 6.35 12.32
C GLN A 36 11.02 6.27 12.44
N LEU A 37 11.58 5.17 11.95
CA LEU A 37 13.02 5.02 11.79
C LEU A 37 13.33 4.92 10.30
N PRO A 38 13.77 6.03 9.70
CA PRO A 38 14.02 6.14 8.26
C PRO A 38 15.29 5.42 7.84
N LYS A 45 15.59 9.04 14.47
CA LYS A 45 14.15 8.86 14.51
C LYS A 45 13.38 10.12 14.08
N ASP A 46 12.21 9.90 13.49
CA ASP A 46 11.32 10.98 13.10
C ASP A 46 9.97 10.87 13.80
N LEU A 47 9.45 12.01 14.23
CA LEU A 47 8.05 12.13 14.57
C LEU A 47 7.33 12.62 13.32
N VAL A 48 6.28 11.91 12.93
CA VAL A 48 5.51 12.30 11.76
C VAL A 48 4.11 12.73 12.18
N VAL A 49 3.73 13.93 11.80
CA VAL A 49 2.38 14.40 12.03
C VAL A 49 1.66 14.40 10.69
N ARG A 50 0.48 13.78 10.66
CA ARG A 50 -0.25 13.65 9.41
C ARG A 50 -1.73 13.96 9.58
N LEU A 51 -2.26 14.80 8.70
CA LEU A 51 -3.69 15.06 8.65
C LEU A 51 -4.26 14.52 7.36
N THR A 52 -5.30 13.70 7.50
CA THR A 52 -6.03 13.16 6.36
C THR A 52 -7.52 13.36 6.58
N ASP A 53 -8.31 12.93 5.61
CA ASP A 53 -9.75 13.09 5.64
C ASP A 53 -10.38 11.78 5.17
N ASP A 54 -11.20 11.16 6.03
CA ASP A 54 -11.78 9.86 5.69
C ASP A 54 -12.63 9.92 4.41
N THR A 55 -13.16 11.09 4.09
CA THR A 55 -14.05 11.24 2.94
C THR A 55 -13.38 11.80 1.70
N ASP A 56 -12.06 11.98 1.76
CA ASP A 56 -11.31 12.54 0.63
C ASP A 56 -9.90 11.98 0.63
N LEU A 57 -9.67 10.99 -0.21
CA LEU A 57 -8.44 10.22 -0.16
C LEU A 57 -7.24 11.02 -0.63
N TYR A 58 -7.47 12.20 -1.20
CA TYR A 58 -6.36 13.01 -1.70
C TYR A 58 -5.93 14.11 -0.73
N PHE A 59 -6.71 14.29 0.33
CA PHE A 59 -6.40 15.29 1.33
C PHE A 59 -5.31 14.79 2.27
N LEU A 60 -4.18 15.50 2.30
CA LEU A 60 -3.06 15.07 3.13
C LEU A 60 -2.13 16.24 3.42
N TYR A 61 -1.96 16.54 4.71
CA TYR A 61 -0.95 17.49 5.15
C TYR A 61 -0.06 16.76 6.13
N ASN A 62 1.24 17.03 6.07
CA ASN A 62 2.14 16.40 7.03
C ASN A 62 3.35 17.23 7.44
N LEU A 63 4.00 16.75 8.48
CA LEU A 63 5.21 17.37 8.99
C LEU A 63 6.09 16.28 9.57
N ILE A 64 7.33 16.23 9.14
CA ILE A 64 8.27 15.25 9.65
C ILE A 64 9.27 15.94 10.55
N ILE A 65 9.27 15.54 11.82
CA ILE A 65 10.13 16.18 12.81
C ILE A 65 11.18 15.22 13.33
N SER A 66 12.40 15.35 12.85
CA SER A 66 13.50 14.55 13.33
C SER A 66 13.89 15.03 14.72
N GLU A 67 14.70 14.26 15.43
CA GLU A 67 15.16 14.68 16.74
C GLU A 67 15.94 15.99 16.63
N GLU A 68 16.79 16.07 15.61
CA GLU A 68 17.55 17.30 15.37
CA GLU A 68 17.56 17.29 15.36
C GLU A 68 16.63 18.47 15.05
N ASP A 69 15.59 18.22 14.24
CA ASP A 69 14.60 19.26 13.93
C ASP A 69 13.98 19.83 15.20
N PHE A 70 13.74 18.97 16.18
CA PHE A 70 13.09 19.37 17.43
C PHE A 70 13.88 20.40 18.23
N GLN A 71 15.21 20.37 18.11
CA GLN A 71 16.08 21.38 18.75
C GLN A 71 15.60 22.81 18.50
N SER A 72 15.21 23.10 17.25
CA SER A 72 14.73 24.44 16.90
C SER A 72 13.22 24.56 17.07
N LEU A 73 12.49 23.51 16.71
CA LEU A 73 11.05 23.53 16.88
C LEU A 73 10.64 23.85 18.33
N LYS A 74 11.27 23.20 19.29
CA LYS A 74 10.94 23.44 20.70
C LYS A 74 11.17 24.90 21.09
N VAL A 75 12.15 25.54 20.48
CA VAL A 75 12.38 26.96 20.72
C VAL A 75 11.26 27.79 20.12
N GLN A 76 10.94 27.51 18.86
CA GLN A 76 9.85 28.21 18.18
C GLN A 76 8.52 28.03 18.90
N GLN A 77 8.29 26.84 19.46
CA GLN A 77 7.02 26.55 20.10
C GLN A 77 7.01 26.88 21.60
N GLY A 78 8.15 27.34 22.10
CA GLY A 78 8.27 27.68 23.52
C GLY A 78 8.11 26.47 24.42
N LEU A 79 8.78 25.37 24.07
CA LEU A 79 8.65 24.12 24.81
C LEU A 79 9.88 23.83 25.65
N LEU A 80 9.66 23.42 26.90
CA LEU A 80 10.76 23.06 27.79
C LEU A 80 10.67 21.58 28.12
N ILE A 81 10.41 20.78 27.09
CA ILE A 81 10.32 19.34 27.26
C ILE A 81 11.19 18.68 26.21
N ASP A 82 11.56 17.44 26.47
CA ASP A 82 12.44 16.72 25.57
C ASP A 82 11.65 16.06 24.42
N PHE A 83 12.37 15.54 23.45
CA PHE A 83 11.77 14.96 22.24
C PHE A 83 10.81 13.81 22.54
N THR A 84 11.14 12.95 23.50
CA THR A 84 10.27 11.81 23.82
C THR A 84 8.98 12.21 24.53
N SER A 85 8.94 13.43 25.05
CA SER A 85 7.76 13.90 25.77
C SER A 85 6.87 14.77 24.90
N PHE A 86 7.38 15.24 23.77
CA PHE A 86 6.57 16.10 22.90
C PHE A 86 5.26 15.44 22.42
N PRO A 87 5.32 14.15 22.01
CA PRO A 87 4.08 13.49 21.58
C PRO A 87 3.00 13.53 22.66
N GLN A 88 3.35 13.21 23.90
CA GLN A 88 2.34 13.11 24.94
C GLN A 88 1.77 14.47 25.32
N LYS A 89 2.57 15.53 25.15
CA LYS A 89 2.05 16.88 25.31
C LYS A 89 1.05 17.22 24.19
N PHE A 90 1.42 16.90 22.96
CA PHE A 90 0.57 17.15 21.80
C PHE A 90 -0.74 16.35 21.94
N ILE A 91 -0.62 15.09 22.34
CA ILE A 91 -1.79 14.22 22.53
C ILE A 91 -2.72 14.73 23.63
N ASP A 92 -2.16 15.14 24.76
CA ASP A 92 -2.95 15.67 25.89
C ASP A 92 -3.82 16.81 25.39
N LEU A 93 -3.24 17.71 24.60
CA LEU A 93 -3.95 18.86 24.02
C LEU A 93 -5.04 18.45 23.03
N LEU A 94 -4.75 17.45 22.21
CA LEU A 94 -5.71 16.93 21.25
C LEU A 94 -6.90 16.32 22.00
N GLU A 95 -6.62 15.59 23.07
CA GLU A 95 -7.70 14.98 23.84
C GLU A 95 -8.61 16.05 24.48
N GLN A 96 -8.03 17.21 24.82
CA GLN A 96 -8.83 18.32 25.35
C GLN A 96 -9.78 18.81 24.26
N CYS A 97 -9.25 18.93 23.04
CA CYS A 97 -10.04 19.34 21.89
C CYS A 97 -11.24 18.41 21.67
N ILE A 98 -11.01 17.11 21.82
CA ILE A 98 -12.09 16.14 21.64
C ILE A 98 -13.15 16.28 22.71
N CYS A 99 -12.71 16.45 23.96
CA CYS A 99 -13.64 16.59 25.08
C CYS A 99 -14.51 17.85 24.98
N GLU A 100 -13.96 18.89 24.34
CA GLU A 100 -14.62 20.20 24.23
C GLU A 100 -15.41 20.37 22.95
N GLN A 101 -15.27 19.42 22.01
CA GLN A 101 -15.75 19.60 20.64
C GLN A 101 -17.25 19.83 20.49
N ASP A 102 -18.05 19.31 21.42
CA ASP A 102 -19.51 19.45 21.33
C ASP A 102 -20.06 20.63 22.14
N LYS A 103 -19.19 21.31 22.88
CA LYS A 103 -19.65 22.41 23.73
C LYS A 103 -20.06 23.65 22.93
N GLU A 104 -20.91 24.49 23.54
CA GLU A 104 -21.33 25.73 22.91
C GLU A 104 -20.14 26.59 22.53
N ASN A 105 -19.16 26.64 23.42
CA ASN A 105 -17.98 27.45 23.21
C ASN A 105 -16.74 26.70 23.69
N PRO A 106 -16.23 25.79 22.85
CA PRO A 106 -15.15 24.89 23.27
C PRO A 106 -13.95 25.68 23.80
N ARG A 107 -13.40 25.24 24.92
CA ARG A 107 -12.29 25.95 25.54
C ARG A 107 -10.97 25.59 24.85
N PHE A 108 -10.94 24.45 24.19
CA PHE A 108 -9.81 24.03 23.38
C PHE A 108 -10.31 23.67 22.00
N LEU A 109 -9.69 24.23 20.97
CA LEU A 109 -10.09 23.90 19.61
C LEU A 109 -8.91 23.78 18.67
N LEU A 110 -9.14 23.09 17.55
CA LEU A 110 -8.11 22.85 16.56
C LEU A 110 -8.41 23.64 15.30
N GLN A 111 -7.43 24.42 14.85
CA GLN A 111 -7.58 25.19 13.62
C GLN A 111 -6.55 24.73 12.61
N LEU A 112 -6.94 24.71 11.35
CA LEU A 112 -6.00 24.50 10.26
C LEU A 112 -6.13 25.69 9.33
N SER A 113 -5.12 26.55 9.30
CA SER A 113 -5.22 27.80 8.55
C SER A 113 -4.13 27.92 7.49
N SER A 114 -4.56 28.10 6.25
CA SER A 114 -3.63 28.22 5.15
C SER A 114 -2.81 29.49 5.28
N SER A 115 -1.55 29.45 4.86
CA SER A 115 -0.73 30.65 4.81
C SER A 115 -0.42 30.98 3.36
N SER A 116 -0.60 32.26 3.02
CA SER A 116 -0.42 32.72 1.65
C SER A 116 0.92 32.33 1.05
N SER A 117 0.89 31.93 -0.21
CA SER A 117 2.11 31.65 -0.96
C SER A 117 2.05 32.38 -2.30
N ALA A 118 3.19 32.82 -2.78
CA ALA A 118 3.27 33.42 -4.11
C ALA A 118 3.38 32.35 -5.17
N PHE A 119 3.33 31.09 -4.76
CA PHE A 119 3.46 29.98 -5.70
C PHE A 119 2.34 28.96 -5.52
N ASP A 120 2.58 27.70 -5.89
CA ASP A 120 1.54 26.68 -5.91
CA ASP A 120 1.52 26.71 -5.90
C ASP A 120 1.28 26.00 -4.57
N HIS A 121 2.33 25.78 -3.78
CA HIS A 121 2.17 25.08 -2.51
C HIS A 121 1.96 26.03 -1.35
N SER A 122 0.80 25.95 -0.71
CA SER A 122 0.50 26.75 0.46
C SER A 122 0.54 25.92 1.74
N PRO A 123 1.49 26.22 2.63
CA PRO A 123 1.50 25.54 3.93
C PRO A 123 0.22 25.86 4.69
N SER A 124 -0.09 25.03 5.68
CA SER A 124 -1.16 25.32 6.62
C SER A 124 -0.66 25.16 8.05
N ASN A 125 -0.99 26.12 8.91
CA ASN A 125 -0.68 26.02 10.33
C ASN A 125 -1.78 25.27 11.06
N LEU A 126 -1.39 24.25 11.79
CA LEU A 126 -2.30 23.53 12.66
C LEU A 126 -2.12 24.13 14.04
N ASN A 127 -3.12 24.88 14.49
CA ASN A 127 -3.04 25.58 15.76
C ASN A 127 -3.94 24.94 16.80
N ILE A 128 -3.41 24.73 17.99
CA ILE A 128 -4.28 24.33 19.10
C ILE A 128 -4.47 25.56 19.96
N VAL A 129 -5.71 25.98 20.10
CA VAL A 129 -6.03 27.25 20.74
C VAL A 129 -6.89 27.02 21.98
N GLU A 130 -6.50 27.64 23.08
CA GLU A 130 -7.31 27.65 24.29
C GLU A 130 -7.96 29.02 24.44
N THR A 131 -9.24 29.03 24.78
CA THR A 131 -9.97 30.29 24.93
C THR A 131 -10.73 30.33 26.24
N ASN A 132 -10.94 31.54 26.75
CA ASN A 132 -11.83 31.75 27.88
C ASN A 132 -12.42 33.14 27.80
N ALA A 133 -13.69 33.21 27.45
CA ALA A 133 -14.35 34.49 27.21
C ALA A 133 -13.54 35.29 26.21
N ASP A 134 -12.97 36.39 26.67
CA ASP A 134 -12.19 37.28 25.81
C ASP A 134 -10.76 36.78 25.59
N LYS A 135 -10.25 35.99 26.52
CA LYS A 135 -8.86 35.57 26.50
C LYS A 135 -8.61 34.38 25.57
N HIS A 136 -7.41 34.32 25.00
CA HIS A 136 -7.03 33.16 24.21
C HIS A 136 -5.51 32.93 24.22
N LEU A 137 -5.12 31.66 24.13
CA LEU A 137 -3.72 31.29 24.17
C LEU A 137 -3.49 30.21 23.11
N THR A 138 -2.49 30.41 22.26
CA THR A 138 -2.11 29.40 21.28
C THR A 138 -1.02 28.51 21.89
N HIS A 139 -1.38 27.26 22.18
CA HIS A 139 -0.46 26.32 22.81
C HIS A 139 0.54 25.72 21.83
N LEU A 140 0.15 25.68 20.56
CA LEU A 140 0.94 24.99 19.56
C LEU A 140 0.53 25.46 18.18
N SER A 141 1.51 25.75 17.32
CA SER A 141 1.22 26.13 15.94
C SER A 141 2.21 25.48 15.00
N LEU A 142 1.85 24.29 14.51
CA LEU A 142 2.74 23.51 13.64
C LEU A 142 2.49 23.83 12.17
N LYS A 143 3.56 24.12 11.45
CA LYS A 143 3.46 24.48 10.05
C LYS A 143 3.54 23.22 9.19
N LEU A 144 2.39 22.78 8.69
CA LEU A 144 2.36 21.56 7.90
C LEU A 144 2.37 21.91 6.42
N LEU A 145 2.93 20.99 5.62
CA LEU A 145 2.96 21.15 4.18
C LEU A 145 1.95 20.21 3.51
N PRO A 146 1.39 20.65 2.37
CA PRO A 146 0.46 19.82 1.60
C PRO A 146 1.20 18.59 1.09
N GLY A 147 0.55 17.44 1.16
CA GLY A 147 1.21 16.20 0.79
C GLY A 147 1.45 16.09 -0.70
N SER A 148 2.64 15.63 -1.06
CA SER A 148 2.95 15.35 -2.45
C SER A 148 2.29 14.03 -2.83
N ASP A 149 2.23 13.75 -4.13
CA ASP A 149 1.65 12.49 -4.57
C ASP A 149 2.47 11.31 -4.05
N THR A 150 3.75 11.55 -3.83
CA THR A 150 4.62 10.57 -3.16
C THR A 150 4.17 10.28 -1.72
N ASP A 151 3.86 11.34 -0.96
CA ASP A 151 3.34 11.16 0.40
C ASP A 151 1.99 10.46 0.39
N ILE A 152 1.15 10.84 -0.57
CA ILE A 152 -0.19 10.28 -0.67
C ILE A 152 -0.13 8.81 -1.11
N LYS A 153 0.78 8.51 -2.04
CA LYS A 153 0.96 7.13 -2.49
C LYS A 153 1.35 6.25 -1.31
N LYS A 154 2.31 6.70 -0.52
CA LYS A 154 2.73 5.95 0.65
C LYS A 154 1.57 5.71 1.60
N TYR A 155 0.77 6.75 1.83
CA TYR A 155 -0.35 6.61 2.75
C TYR A 155 -1.44 5.68 2.22
N LEU A 156 -1.84 5.87 0.97
CA LEU A 156 -2.86 5.01 0.36
C LEU A 156 -2.42 3.55 0.34
N ALA A 157 -1.13 3.32 0.12
CA ALA A 157 -0.61 1.95 0.13
C ALA A 157 -0.74 1.33 1.53
N SER A 158 -0.44 2.10 2.57
CA SER A 158 -0.62 1.64 3.93
C SER A 158 -2.07 1.26 4.18
N CYS A 159 -2.97 2.14 3.75
CA CYS A 159 -4.41 1.91 3.91
C CYS A 159 -4.87 0.66 3.17
N LEU A 160 -4.35 0.47 1.96
CA LEU A 160 -4.76 -0.68 1.15
C LEU A 160 -4.34 -1.99 1.82
N SER A 161 -3.10 -2.06 2.28
CA SER A 161 -2.60 -3.25 2.96
C SER A 161 -3.48 -3.55 4.17
N SER A 162 -3.81 -2.51 4.94
CA SER A 162 -4.67 -2.67 6.10
C SER A 162 -6.05 -3.20 5.74
N VAL A 163 -6.68 -2.59 4.74
CA VAL A 163 -8.03 -3.01 4.36
C VAL A 163 -8.03 -4.46 3.81
N LYS A 164 -6.97 -4.84 3.12
CA LYS A 164 -6.90 -6.21 2.60
C LYS A 164 -6.73 -7.22 3.72
N GLU A 165 -5.94 -6.88 4.73
CA GLU A 165 -5.81 -7.73 5.92
C GLU A 165 -7.16 -7.85 6.61
N GLU A 166 -7.88 -6.73 6.73
CA GLU A 166 -9.21 -6.73 7.33
C GLU A 166 -10.17 -7.62 6.55
N LYS A 167 -10.15 -7.49 5.23
CA LYS A 167 -11.02 -8.31 4.38
C LYS A 167 -10.70 -9.79 4.54
N GLN A 168 -9.41 -10.11 4.62
CA GLN A 168 -8.98 -11.48 4.77
C GLN A 168 -9.48 -12.05 6.09
N GLN A 169 -9.33 -11.28 7.16
CA GLN A 169 -9.81 -11.71 8.48
C GLN A 169 -11.32 -11.91 8.49
N LEU A 170 -12.03 -11.05 7.78
CA LEU A 170 -13.47 -11.16 7.69
C LEU A 170 -13.85 -12.40 6.89
N GLN A 171 -13.07 -12.71 5.87
CA GLN A 171 -13.29 -13.91 5.07
C GLN A 171 -13.10 -15.18 5.91
N GLN A 172 -12.00 -15.22 6.66
CA GLN A 172 -11.72 -16.36 7.51
C GLN A 172 -12.82 -16.55 8.54
N LYS A 173 -13.37 -15.45 9.03
CA LYS A 173 -14.44 -15.53 10.01
C LYS A 173 -15.73 -16.06 9.39
N LEU A 174 -16.07 -15.55 8.21
CA LEU A 174 -17.28 -15.98 7.53
C LEU A 174 -17.20 -17.48 7.27
N ARG A 175 -16.04 -17.95 6.81
CA ARG A 175 -15.84 -19.37 6.56
C ARG A 175 -16.19 -20.21 7.78
N LYS A 176 -15.60 -19.87 8.92
CA LYS A 176 -15.87 -20.59 10.16
C LYS A 176 -17.37 -20.54 10.46
N THR A 177 -17.94 -19.35 10.34
CA THR A 177 -19.37 -19.17 10.57
C THR A 177 -20.18 -20.03 9.60
N GLU A 178 -19.72 -20.07 8.36
CA GLU A 178 -20.37 -20.84 7.31
C GLU A 178 -20.44 -22.32 7.67
N GLU A 179 -19.35 -22.85 8.23
CA GLU A 179 -19.27 -24.25 8.62
C GLU A 179 -20.29 -24.61 9.71
N MET B 4 -18.08 4.57 -17.15
CA MET B 4 -18.34 3.66 -18.25
C MET B 4 -17.09 2.91 -18.68
N THR B 5 -16.34 2.41 -17.70
CA THR B 5 -15.19 1.57 -17.99
C THR B 5 -15.59 0.09 -17.91
N GLU B 6 -15.29 -0.66 -18.96
CA GLU B 6 -15.62 -2.07 -19.01
C GLU B 6 -14.40 -2.92 -18.71
N LEU B 7 -14.54 -3.86 -17.79
CA LEU B 7 -13.47 -4.82 -17.52
C LEU B 7 -13.55 -5.94 -18.54
N LEU B 8 -12.51 -6.07 -19.36
CA LEU B 8 -12.49 -7.12 -20.36
C LEU B 8 -11.72 -8.34 -19.86
N PHE B 9 -10.79 -8.12 -18.94
CA PHE B 9 -9.93 -9.20 -18.48
C PHE B 9 -9.17 -8.76 -17.24
N ASN B 10 -9.00 -9.68 -16.30
CA ASN B 10 -8.20 -9.42 -15.11
C ASN B 10 -7.78 -10.72 -14.43
N LYS B 11 -6.56 -11.15 -14.68
CA LYS B 11 -6.03 -12.36 -14.08
C LYS B 11 -4.56 -12.23 -13.76
N ARG B 12 -4.08 -13.06 -12.85
CA ARG B 12 -2.67 -13.11 -12.55
C ARG B 12 -2.00 -14.07 -13.52
N LEU B 13 -0.81 -13.69 -13.99
CA LEU B 13 -0.07 -14.50 -14.95
C LEU B 13 1.37 -14.66 -14.52
N GLN B 14 1.95 -15.78 -14.90
CA GLN B 14 3.37 -15.99 -14.79
C GLN B 14 4.04 -15.11 -15.84
N VAL B 15 4.99 -14.27 -15.42
CA VAL B 15 5.67 -13.39 -16.36
C VAL B 15 7.18 -13.49 -16.19
N LEU B 16 7.88 -13.52 -17.31
CA LEU B 16 9.33 -13.43 -17.31
C LEU B 16 9.76 -11.97 -17.35
N VAL B 17 10.17 -11.44 -16.20
CA VAL B 17 10.59 -10.05 -16.10
C VAL B 17 12.10 -9.96 -16.28
N LYS B 18 12.52 -9.13 -17.23
CA LYS B 18 13.93 -9.03 -17.60
C LYS B 18 14.53 -7.68 -17.17
N GLU B 24 17.09 -11.62 -14.49
CA GLU B 24 15.85 -12.20 -14.97
C GLU B 24 15.13 -12.99 -13.86
N ARG B 25 13.81 -12.92 -13.85
CA ARG B 25 13.03 -13.62 -12.83
C ARG B 25 11.59 -13.88 -13.29
N ARG B 26 10.98 -14.90 -12.72
CA ARG B 26 9.63 -15.29 -13.05
C ARG B 26 8.71 -15.02 -11.86
N SER B 27 7.80 -14.07 -12.01
CA SER B 27 6.90 -13.68 -10.93
C SER B 27 5.47 -13.58 -11.41
N VAL B 28 4.54 -13.74 -10.49
CA VAL B 28 3.13 -13.66 -10.81
C VAL B 28 2.67 -12.21 -10.83
N ILE B 29 2.19 -11.77 -11.98
CA ILE B 29 1.77 -10.40 -12.17
C ILE B 29 0.31 -10.38 -12.56
N ARG B 30 -0.42 -9.39 -12.06
CA ARG B 30 -1.81 -9.22 -12.45
C ARG B 30 -1.88 -8.39 -13.71
N VAL B 31 -2.61 -8.89 -14.69
CA VAL B 31 -2.76 -8.19 -15.96
C VAL B 31 -4.22 -7.81 -16.16
N SER B 32 -4.46 -6.52 -16.30
CA SER B 32 -5.82 -6.02 -16.42
C SER B 32 -6.03 -5.30 -17.76
N ILE B 33 -7.16 -5.57 -18.38
CA ILE B 33 -7.51 -4.95 -19.65
C ILE B 33 -8.91 -4.35 -19.58
N GLU B 34 -9.00 -3.06 -19.89
CA GLU B 34 -10.28 -2.36 -19.84
C GLU B 34 -10.56 -1.59 -21.11
N LEU B 35 -11.82 -1.19 -21.26
CA LEU B 35 -12.20 -0.20 -22.25
C LEU B 35 -12.68 1.02 -21.48
N GLN B 36 -12.26 2.20 -21.91
CA GLN B 36 -12.73 3.43 -21.27
C GLN B 36 -12.95 4.53 -22.30
N LEU B 37 -13.76 5.52 -21.95
CA LEU B 37 -14.06 6.63 -22.85
C LEU B 37 -12.78 7.35 -23.27
N PRO B 38 -12.65 7.60 -24.58
CA PRO B 38 -11.44 8.16 -25.20
C PRO B 38 -11.29 9.66 -24.98
N SER B 39 -10.25 10.22 -25.58
CA SER B 39 -10.05 11.67 -25.59
C SER B 39 -11.18 12.33 -26.36
N SER B 40 -11.36 11.91 -27.61
CA SER B 40 -12.46 12.37 -28.44
C SER B 40 -13.52 11.29 -28.57
N PRO B 41 -14.80 11.70 -28.55
CA PRO B 41 -15.94 10.78 -28.55
C PRO B 41 -16.11 9.96 -29.84
N VAL B 42 -15.64 10.49 -30.96
CA VAL B 42 -15.80 9.79 -32.24
C VAL B 42 -15.04 8.47 -32.27
N HIS B 43 -13.81 8.49 -31.76
CA HIS B 43 -13.00 7.27 -31.68
C HIS B 43 -13.63 6.29 -30.70
N ARG B 44 -13.53 5.00 -30.99
CA ARG B 44 -14.01 3.97 -30.08
C ARG B 44 -13.25 4.05 -28.76
N LYS B 45 -13.83 3.46 -27.71
CA LYS B 45 -13.23 3.48 -26.38
C LYS B 45 -11.73 3.19 -26.40
N ASP B 46 -11.00 3.82 -25.50
CA ASP B 46 -9.58 3.55 -25.34
C ASP B 46 -9.37 2.21 -24.64
N LEU B 47 -8.41 1.44 -25.12
CA LEU B 47 -8.03 0.20 -24.48
C LEU B 47 -6.94 0.48 -23.46
N VAL B 48 -7.20 0.13 -22.20
CA VAL B 48 -6.19 0.31 -21.15
C VAL B 48 -5.59 -1.02 -20.72
N VAL B 49 -4.26 -1.05 -20.66
CA VAL B 49 -3.56 -2.25 -20.21
C VAL B 49 -2.74 -1.94 -18.96
N ARG B 50 -2.92 -2.74 -17.93
CA ARG B 50 -2.26 -2.47 -16.67
C ARG B 50 -1.62 -3.71 -16.05
N LEU B 51 -0.37 -3.57 -15.64
CA LEU B 51 0.35 -4.61 -14.92
C LEU B 51 0.58 -4.16 -13.49
N THR B 52 0.15 -4.99 -12.53
CA THR B 52 0.33 -4.67 -11.12
C THR B 52 0.78 -5.90 -10.35
N ASP B 53 1.03 -5.72 -9.06
CA ASP B 53 1.48 -6.79 -8.19
C ASP B 53 0.67 -6.82 -6.88
N ASP B 54 -0.02 -7.93 -6.64
CA ASP B 54 -0.88 -8.05 -5.46
C ASP B 54 -0.17 -7.82 -4.12
N THR B 55 1.15 -7.79 -4.11
CA THR B 55 1.88 -7.57 -2.87
C THR B 55 2.76 -6.32 -2.91
N ASP B 56 3.51 -6.15 -3.98
CA ASP B 56 4.27 -4.92 -4.16
C ASP B 56 3.34 -3.86 -4.73
N LEU B 57 2.83 -3.03 -3.83
CA LEU B 57 1.80 -2.04 -4.18
C LEU B 57 2.36 -0.85 -4.95
N TYR B 58 3.68 -0.77 -5.07
CA TYR B 58 4.29 0.31 -5.83
C TYR B 58 4.60 -0.11 -7.27
N PHE B 59 4.38 -1.39 -7.56
CA PHE B 59 4.60 -1.93 -8.90
C PHE B 59 3.42 -1.60 -9.81
N LEU B 60 3.69 -0.89 -10.89
CA LEU B 60 2.64 -0.51 -11.82
C LEU B 60 3.24 -0.20 -13.19
N TYR B 61 2.75 -0.90 -14.21
CA TYR B 61 3.02 -0.55 -15.59
C TYR B 61 1.69 -0.36 -16.30
N ASN B 62 1.60 0.63 -17.17
CA ASN B 62 0.35 0.90 -17.86
C ASN B 62 0.53 1.41 -19.27
N LEU B 63 -0.49 1.19 -20.10
CA LEU B 63 -0.49 1.67 -21.48
C LEU B 63 -1.91 1.92 -21.93
N ILE B 64 -2.13 3.07 -22.55
CA ILE B 64 -3.44 3.42 -23.11
C ILE B 64 -3.38 3.35 -24.63
N ILE B 65 -4.28 2.57 -25.22
CA ILE B 65 -4.30 2.41 -26.67
C ILE B 65 -5.61 2.90 -27.29
N SER B 66 -5.60 4.14 -27.74
CA SER B 66 -6.75 4.70 -28.44
C SER B 66 -6.88 4.03 -29.80
N GLU B 67 -8.00 4.24 -30.47
CA GLU B 67 -8.26 3.63 -31.76
C GLU B 67 -7.18 4.00 -32.78
N GLU B 68 -6.73 5.24 -32.75
CA GLU B 68 -5.72 5.70 -33.71
C GLU B 68 -4.34 5.14 -33.38
N ASP B 69 -4.02 5.03 -32.10
CA ASP B 69 -2.78 4.40 -31.67
C ASP B 69 -2.67 2.98 -32.24
N PHE B 70 -3.79 2.25 -32.22
CA PHE B 70 -3.81 0.89 -32.74
C PHE B 70 -3.52 0.83 -34.24
N GLN B 71 -3.97 1.85 -34.97
CA GLN B 71 -3.75 1.90 -36.42
C GLN B 71 -2.27 1.78 -36.77
N SER B 72 -1.44 2.53 -36.06
CA SER B 72 0.00 2.43 -36.22
C SER B 72 0.44 1.01 -35.88
N LEU B 73 0.01 0.55 -34.71
CA LEU B 73 0.37 -0.75 -34.20
C LEU B 73 0.03 -1.86 -35.19
N LYS B 74 -1.17 -1.78 -35.76
CA LYS B 74 -1.63 -2.77 -36.73
C LYS B 74 -0.61 -2.97 -37.85
N VAL B 75 -0.15 -1.86 -38.42
CA VAL B 75 0.81 -1.91 -39.52
C VAL B 75 2.19 -2.30 -39.03
N GLN B 76 2.66 -1.64 -37.97
CA GLN B 76 3.97 -1.90 -37.41
C GLN B 76 4.22 -3.39 -37.26
N GLN B 77 3.29 -4.07 -36.60
CA GLN B 77 3.45 -5.48 -36.26
C GLN B 77 2.61 -6.38 -37.17
N GLY B 78 2.12 -5.82 -38.26
CA GLY B 78 1.35 -6.57 -39.23
C GLY B 78 0.19 -7.34 -38.61
N LEU B 79 -0.71 -6.61 -37.97
CA LEU B 79 -1.88 -7.22 -37.35
C LEU B 79 -3.03 -7.30 -38.36
N LEU B 80 -3.62 -8.48 -38.46
CA LEU B 80 -4.64 -8.76 -39.46
C LEU B 80 -6.00 -8.26 -39.02
N ILE B 81 -6.16 -8.08 -37.71
CA ILE B 81 -7.45 -7.76 -37.13
C ILE B 81 -7.75 -6.27 -37.08
N ASP B 82 -8.97 -5.95 -36.65
CA ASP B 82 -9.41 -4.57 -36.46
C ASP B 82 -9.31 -4.22 -34.98
N PHE B 83 -9.23 -2.93 -34.68
CA PHE B 83 -9.13 -2.46 -33.29
C PHE B 83 -10.27 -3.00 -32.44
N THR B 84 -11.45 -3.14 -33.04
CA THR B 84 -12.60 -3.68 -32.34
C THR B 84 -12.36 -5.14 -31.95
N SER B 85 -11.62 -5.86 -32.78
CA SER B 85 -11.31 -7.27 -32.54
C SER B 85 -10.08 -7.43 -31.66
N PHE B 86 -9.18 -6.44 -31.72
CA PHE B 86 -7.88 -6.53 -31.06
C PHE B 86 -7.91 -7.00 -29.60
N PRO B 87 -8.78 -6.40 -28.78
CA PRO B 87 -8.84 -6.81 -27.38
C PRO B 87 -8.96 -8.32 -27.23
N GLN B 88 -9.88 -8.92 -27.98
CA GLN B 88 -10.11 -10.36 -27.89
C GLN B 88 -8.86 -11.15 -28.28
N LYS B 89 -8.21 -10.70 -29.35
CA LYS B 89 -7.00 -11.35 -29.84
C LYS B 89 -5.92 -11.35 -28.77
N PHE B 90 -5.76 -10.21 -28.12
CA PHE B 90 -4.81 -10.03 -27.03
C PHE B 90 -5.18 -10.96 -25.87
N ILE B 91 -6.46 -10.94 -25.50
CA ILE B 91 -6.95 -11.83 -24.45
C ILE B 91 -6.75 -13.30 -24.78
N ASP B 92 -7.06 -13.69 -26.03
CA ASP B 92 -6.83 -15.06 -26.47
C ASP B 92 -5.38 -15.46 -26.25
N LEU B 93 -4.47 -14.55 -26.57
CA LEU B 93 -3.04 -14.80 -26.41
C LEU B 93 -2.69 -14.95 -24.94
N LEU B 94 -3.26 -14.08 -24.11
CA LEU B 94 -3.04 -14.15 -22.67
C LEU B 94 -3.61 -15.47 -22.13
N GLU B 95 -4.76 -15.88 -22.64
CA GLU B 95 -5.34 -17.14 -22.22
C GLU B 95 -4.38 -18.29 -22.56
N GLN B 96 -3.83 -18.25 -23.77
CA GLN B 96 -2.84 -19.27 -24.17
C GLN B 96 -1.68 -19.32 -23.18
N CYS B 97 -1.19 -18.15 -22.78
CA CYS B 97 -0.10 -18.09 -21.80
C CYS B 97 -0.52 -18.76 -20.49
N ILE B 98 -1.80 -18.59 -20.16
CA ILE B 98 -2.36 -19.18 -18.94
C ILE B 98 -2.47 -20.69 -19.11
N CYS B 99 -3.06 -21.09 -20.24
CA CYS B 99 -3.23 -22.50 -20.56
C CYS B 99 -1.90 -23.24 -20.54
N GLU B 100 -0.82 -22.50 -20.79
CA GLU B 100 0.51 -23.10 -20.99
C GLU B 100 1.43 -22.96 -19.79
N GLN B 101 1.19 -21.95 -18.96
CA GLN B 101 2.14 -21.60 -17.90
C GLN B 101 2.33 -22.70 -16.85
N ASP B 102 1.33 -23.57 -16.72
CA ASP B 102 1.41 -24.65 -15.73
C ASP B 102 1.88 -25.98 -16.30
N LYS B 103 2.21 -26.00 -17.59
CA LYS B 103 2.66 -27.23 -18.24
C LYS B 103 4.14 -27.52 -18.00
N GLU B 104 4.55 -28.71 -18.42
CA GLU B 104 5.90 -29.20 -18.19
C GLU B 104 6.97 -28.39 -18.95
N ASN B 105 6.63 -27.94 -20.15
CA ASN B 105 7.53 -27.11 -20.94
C ASN B 105 6.72 -26.07 -21.71
N PRO B 106 6.42 -24.95 -21.05
CA PRO B 106 5.52 -23.93 -21.59
C PRO B 106 5.92 -23.48 -23.00
N ARG B 107 4.93 -23.37 -23.88
CA ARG B 107 5.16 -23.06 -25.28
C ARG B 107 4.74 -21.62 -25.60
N PHE B 108 3.93 -21.02 -24.72
CA PHE B 108 3.60 -19.61 -24.83
C PHE B 108 4.11 -18.89 -23.59
N LEU B 109 4.79 -17.77 -23.79
CA LEU B 109 5.44 -17.06 -22.70
C LEU B 109 5.03 -15.59 -22.69
N LEU B 110 4.90 -15.04 -21.49
CA LEU B 110 4.65 -13.62 -21.33
C LEU B 110 5.91 -12.99 -20.77
N GLN B 111 6.41 -11.96 -21.44
CA GLN B 111 7.67 -11.36 -21.04
C GLN B 111 7.59 -9.86 -20.89
N LEU B 112 8.20 -9.36 -19.82
CA LEU B 112 8.34 -7.92 -19.61
C LEU B 112 9.82 -7.57 -19.65
N SER B 113 10.24 -6.93 -20.73
CA SER B 113 11.65 -6.67 -20.96
C SER B 113 11.94 -5.16 -21.01
N SER B 114 12.94 -4.72 -20.25
CA SER B 114 13.31 -3.32 -20.22
C SER B 114 14.03 -2.90 -21.50
N HIS B 121 13.63 4.64 -15.32
CA HIS B 121 12.22 5.01 -15.44
C HIS B 121 11.76 4.94 -16.89
N SER B 122 12.25 3.94 -17.62
CA SER B 122 11.94 3.80 -19.04
C SER B 122 10.85 2.75 -19.28
N PRO B 123 10.10 2.91 -20.38
CA PRO B 123 9.07 1.94 -20.77
C PRO B 123 9.65 0.55 -20.97
N SER B 124 8.86 -0.48 -20.68
CA SER B 124 9.27 -1.85 -20.93
C SER B 124 8.36 -2.48 -21.98
N ASN B 125 8.90 -3.48 -22.67
CA ASN B 125 8.15 -4.20 -23.68
C ASN B 125 7.41 -5.38 -23.08
N LEU B 126 6.10 -5.42 -23.31
CA LEU B 126 5.31 -6.58 -22.92
C LEU B 126 5.16 -7.49 -24.13
N ASN B 127 5.88 -8.60 -24.12
CA ASN B 127 5.89 -9.51 -25.27
C ASN B 127 5.25 -10.86 -24.99
N ILE B 128 4.41 -11.29 -25.92
CA ILE B 128 3.88 -12.64 -25.89
C ILE B 128 4.59 -13.45 -26.96
N VAL B 129 5.40 -14.41 -26.52
CA VAL B 129 6.21 -15.22 -27.42
C VAL B 129 5.67 -16.63 -27.48
N GLU B 130 5.66 -17.20 -28.68
CA GLU B 130 5.43 -18.63 -28.86
C GLU B 130 6.74 -19.29 -29.25
N THR B 131 7.15 -20.30 -28.49
CA THR B 131 8.39 -21.01 -28.80
C THR B 131 8.13 -22.23 -29.68
N ASN B 132 8.71 -22.23 -30.87
CA ASN B 132 8.68 -23.40 -31.73
C ASN B 132 10.07 -24.02 -31.74
N ALA B 133 10.30 -24.93 -30.80
CA ALA B 133 11.62 -25.54 -30.60
C ALA B 133 12.62 -24.51 -30.09
N ASP B 134 13.69 -24.29 -30.85
CA ASP B 134 14.69 -23.28 -30.52
C ASP B 134 14.39 -22.00 -31.28
N LYS B 135 13.24 -21.98 -31.97
CA LYS B 135 12.76 -20.78 -32.64
C LYS B 135 11.76 -20.08 -31.73
N HIS B 136 11.63 -18.76 -31.90
CA HIS B 136 10.69 -17.98 -31.11
C HIS B 136 9.90 -17.03 -32.01
N LEU B 137 8.59 -17.18 -32.03
CA LEU B 137 7.72 -16.25 -32.74
C LEU B 137 7.02 -15.29 -31.77
N THR B 138 7.17 -13.99 -32.02
CA THR B 138 6.53 -12.97 -31.19
C THR B 138 5.18 -12.58 -31.78
N HIS B 139 4.12 -12.74 -31.01
CA HIS B 139 2.76 -12.49 -31.50
C HIS B 139 2.31 -11.05 -31.24
N LEU B 140 2.82 -10.47 -30.17
CA LEU B 140 2.42 -9.12 -29.80
C LEU B 140 3.48 -8.51 -28.92
N SER B 141 3.74 -7.23 -29.15
CA SER B 141 4.67 -6.49 -28.31
C SER B 141 4.07 -5.12 -27.99
N LEU B 142 4.10 -4.76 -26.72
CA LEU B 142 3.51 -3.51 -26.27
C LEU B 142 4.50 -2.70 -25.45
N LYS B 143 4.42 -1.38 -25.60
CA LYS B 143 5.31 -0.46 -24.88
C LYS B 143 4.63 0.05 -23.62
N LEU B 144 4.94 -0.57 -22.50
CA LEU B 144 4.32 -0.22 -21.22
C LEU B 144 5.12 0.84 -20.47
N LEU B 145 4.41 1.78 -19.87
CA LEU B 145 5.04 2.87 -19.14
C LEU B 145 5.03 2.61 -17.64
N PRO B 146 6.19 2.76 -16.99
CA PRO B 146 6.25 2.67 -15.53
C PRO B 146 5.35 3.77 -14.95
N GLY B 147 4.46 3.40 -14.03
CA GLY B 147 3.57 4.37 -13.45
C GLY B 147 4.30 5.42 -12.63
N SER B 148 3.88 6.67 -12.78
CA SER B 148 4.40 7.73 -11.93
C SER B 148 3.75 7.63 -10.56
N ASP B 149 4.26 8.38 -9.60
CA ASP B 149 3.66 8.41 -8.28
C ASP B 149 2.20 8.82 -8.39
N THR B 150 1.90 9.65 -9.37
CA THR B 150 0.54 10.11 -9.61
C THR B 150 -0.37 8.99 -10.15
N ASP B 151 0.14 8.21 -11.11
CA ASP B 151 -0.60 7.06 -11.64
C ASP B 151 -0.86 6.05 -10.52
N ILE B 152 0.17 5.75 -9.74
CA ILE B 152 0.04 4.81 -8.63
C ILE B 152 -0.98 5.31 -7.62
N LYS B 153 -0.89 6.60 -7.28
CA LYS B 153 -1.85 7.19 -6.36
C LYS B 153 -3.27 6.92 -6.81
N LYS B 154 -3.55 7.22 -8.08
CA LYS B 154 -4.88 6.99 -8.65
C LYS B 154 -5.27 5.51 -8.62
N TYR B 155 -4.34 4.63 -8.97
CA TYR B 155 -4.63 3.20 -8.96
C TYR B 155 -4.94 2.69 -7.54
N LEU B 156 -4.12 3.10 -6.58
CA LEU B 156 -4.34 2.71 -5.19
C LEU B 156 -5.72 3.15 -4.74
N ALA B 157 -6.11 4.38 -5.07
CA ALA B 157 -7.42 4.88 -4.71
C ALA B 157 -8.55 4.02 -5.26
N SER B 158 -8.42 3.59 -6.52
CA SER B 158 -9.45 2.73 -7.11
C SER B 158 -9.45 1.34 -6.46
N CYS B 159 -8.28 0.86 -6.07
CA CYS B 159 -8.18 -0.40 -5.32
C CYS B 159 -8.84 -0.31 -3.95
N LEU B 160 -8.61 0.79 -3.23
CA LEU B 160 -9.25 1.02 -1.95
C LEU B 160 -10.78 1.02 -2.05
N SER B 161 -11.31 1.63 -3.10
CA SER B 161 -12.75 1.66 -3.29
C SER B 161 -13.31 0.26 -3.52
N SER B 162 -12.66 -0.50 -4.39
CA SER B 162 -13.15 -1.83 -4.72
C SER B 162 -13.07 -2.83 -3.56
N VAL B 163 -11.96 -2.82 -2.83
CA VAL B 163 -11.82 -3.72 -1.70
C VAL B 163 -12.82 -3.36 -0.60
N LYS B 164 -13.07 -2.07 -0.40
CA LYS B 164 -14.08 -1.65 0.54
C LYS B 164 -15.47 -2.16 0.14
N GLU B 165 -15.75 -2.13 -1.15
CA GLU B 165 -17.03 -2.63 -1.65
C GLU B 165 -17.15 -4.12 -1.41
N GLU B 166 -16.07 -4.86 -1.65
CA GLU B 166 -16.05 -6.29 -1.35
C GLU B 166 -16.23 -6.53 0.16
N LYS B 167 -15.55 -5.73 0.97
CA LYS B 167 -15.68 -5.86 2.43
C LYS B 167 -17.12 -5.63 2.88
N GLN B 168 -17.78 -4.64 2.31
CA GLN B 168 -19.17 -4.35 2.66
C GLN B 168 -20.08 -5.51 2.26
N GLN B 169 -19.80 -6.12 1.12
CA GLN B 169 -20.55 -7.28 0.67
C GLN B 169 -20.35 -8.44 1.65
N LEU B 170 -19.09 -8.67 2.02
CA LEU B 170 -18.78 -9.72 2.99
C LEU B 170 -19.48 -9.49 4.32
N GLN B 171 -19.59 -8.22 4.72
CA GLN B 171 -20.26 -7.89 5.98
C GLN B 171 -21.75 -8.16 5.87
N GLN B 172 -22.35 -7.82 4.74
CA GLN B 172 -23.76 -8.12 4.48
C GLN B 172 -24.00 -9.63 4.52
N LYS B 173 -23.12 -10.39 3.89
CA LYS B 173 -23.28 -11.84 3.87
C LYS B 173 -23.16 -12.41 5.27
N LEU B 174 -22.18 -11.91 6.03
CA LEU B 174 -22.01 -12.34 7.41
C LEU B 174 -23.27 -12.05 8.23
N ARG B 175 -23.85 -10.88 8.01
CA ARG B 175 -25.04 -10.48 8.74
C ARG B 175 -26.18 -11.45 8.45
N LYS B 176 -26.41 -11.73 7.18
CA LYS B 176 -27.46 -12.65 6.76
C LYS B 176 -27.20 -14.07 7.25
N THR B 177 -25.95 -14.52 7.11
CA THR B 177 -25.57 -15.85 7.56
C THR B 177 -25.81 -16.03 9.06
N GLU B 178 -25.48 -15.01 9.84
CA GLU B 178 -25.54 -15.10 11.30
C GLU B 178 -26.95 -15.20 11.86
N GLU B 179 -27.92 -14.64 11.14
CA GLU B 179 -29.31 -14.73 11.54
C GLU B 179 -29.87 -16.11 11.19
N ASP B 180 -28.98 -17.02 10.81
CA ASP B 180 -29.37 -18.37 10.41
C ASP B 180 -28.62 -19.43 11.21
N THR C 5 14.40 -4.41 -3.30
CA THR C 5 13.80 -3.66 -4.40
C THR C 5 12.45 -4.23 -4.80
N GLU C 6 12.25 -5.52 -4.54
CA GLU C 6 10.98 -6.17 -4.85
C GLU C 6 10.34 -6.77 -3.61
N LEU C 7 9.19 -6.23 -3.22
CA LEU C 7 8.47 -6.71 -2.05
C LEU C 7 7.69 -7.99 -2.35
N LEU C 8 8.05 -9.07 -1.70
CA LEU C 8 7.41 -10.36 -1.92
C LEU C 8 6.35 -10.68 -0.87
N PHE C 9 6.51 -10.12 0.33
CA PHE C 9 5.62 -10.43 1.43
C PHE C 9 5.68 -9.32 2.49
N ASN C 10 4.53 -9.01 3.07
CA ASN C 10 4.43 -8.03 4.15
C ASN C 10 3.08 -8.14 4.85
N LYS C 11 3.06 -8.77 6.00
CA LYS C 11 1.82 -8.98 6.74
C LYS C 11 2.05 -9.06 8.24
N ARG C 12 1.09 -8.55 9.00
CA ARG C 12 1.03 -8.79 10.43
C ARG C 12 0.55 -10.22 10.62
N LEU C 13 1.12 -10.92 11.60
CA LEU C 13 0.67 -12.26 11.91
C LEU C 13 1.01 -12.66 13.34
N GLN C 14 0.38 -13.73 13.82
CA GLN C 14 0.58 -14.18 15.19
C GLN C 14 1.86 -15.00 15.31
N VAL C 15 2.54 -14.87 16.45
CA VAL C 15 3.76 -15.62 16.71
C VAL C 15 3.86 -15.98 18.19
N LEU C 16 4.22 -17.22 18.48
CA LEU C 16 4.46 -17.65 19.85
C LEU C 16 5.90 -17.34 20.25
N VAL C 17 6.06 -16.41 21.20
CA VAL C 17 7.39 -15.97 21.62
C VAL C 17 7.81 -16.58 22.95
N ARG C 25 4.34 -16.61 25.00
CA ARG C 25 3.21 -15.70 24.83
C ARG C 25 3.07 -15.29 23.36
N ARG C 26 1.84 -15.22 22.88
CA ARG C 26 1.57 -14.92 21.47
C ARG C 26 1.53 -13.42 21.18
N SER C 27 2.57 -12.93 20.52
CA SER C 27 2.65 -11.51 20.16
C SER C 27 2.38 -11.31 18.66
N VAL C 28 1.89 -10.13 18.31
CA VAL C 28 1.66 -9.80 16.92
C VAL C 28 2.88 -9.10 16.33
N ILE C 29 3.46 -9.69 15.29
CA ILE C 29 4.61 -9.06 14.64
C ILE C 29 4.39 -8.91 13.13
N ARG C 30 5.11 -7.97 12.52
CA ARG C 30 5.06 -7.78 11.08
C ARG C 30 6.20 -8.51 10.40
N VAL C 31 5.86 -9.40 9.48
CA VAL C 31 6.86 -10.16 8.75
C VAL C 31 6.97 -9.64 7.32
N SER C 32 8.20 -9.34 6.90
CA SER C 32 8.44 -8.77 5.58
C SER C 32 9.54 -9.52 4.82
N ILE C 33 9.21 -9.99 3.63
CA ILE C 33 10.17 -10.67 2.76
C ILE C 33 10.33 -9.89 1.46
N GLU C 34 11.58 -9.66 1.06
CA GLU C 34 11.87 -8.90 -0.16
C GLU C 34 13.16 -9.37 -0.81
N LEU C 35 13.39 -8.94 -2.05
CA LEU C 35 14.62 -9.25 -2.78
C LEU C 35 15.44 -7.99 -3.00
N GLN C 36 16.68 -8.03 -2.52
CA GLN C 36 17.54 -6.85 -2.55
C GLN C 36 18.78 -7.07 -3.41
N LEU C 47 17.99 -11.92 -0.83
CA LEU C 47 16.70 -11.99 -0.13
C LEU C 47 16.83 -11.49 1.31
N VAL C 48 15.84 -10.72 1.76
CA VAL C 48 15.87 -10.15 3.10
C VAL C 48 14.58 -10.43 3.87
N VAL C 49 14.67 -11.28 4.89
CA VAL C 49 13.56 -11.53 5.80
C VAL C 49 13.68 -10.59 7.00
N ARG C 50 12.57 -9.98 7.39
CA ARG C 50 12.61 -8.88 8.36
C ARG C 50 11.44 -8.92 9.33
N LEU C 51 11.74 -8.85 10.62
CA LEU C 51 10.72 -8.86 11.67
C LEU C 51 10.65 -7.52 12.39
N THR C 52 9.47 -6.92 12.39
CA THR C 52 9.26 -5.64 13.09
C THR C 52 7.96 -5.64 13.88
N ASP C 53 7.72 -4.53 14.59
CA ASP C 53 6.55 -4.39 15.46
C ASP C 53 5.97 -2.99 15.29
N ASP C 54 4.73 -2.91 14.80
CA ASP C 54 4.07 -1.61 14.58
C ASP C 54 3.87 -0.81 15.86
N THR C 55 4.13 -1.43 17.01
CA THR C 55 3.93 -0.76 18.30
C THR C 55 5.23 -0.57 19.07
N ASP C 56 6.35 -0.98 18.47
CA ASP C 56 7.64 -0.85 19.13
C ASP C 56 8.74 -0.54 18.11
N LEU C 57 9.06 0.75 18.00
CA LEU C 57 10.01 1.22 17.00
C LEU C 57 11.30 0.38 17.02
N TYR C 58 11.75 0.02 18.21
CA TYR C 58 13.08 -0.55 18.38
C TYR C 58 13.14 -2.07 18.28
N PHE C 59 12.01 -2.69 17.96
CA PHE C 59 12.01 -4.14 17.73
C PHE C 59 12.35 -4.44 16.28
N LEU C 60 13.45 -5.17 16.07
CA LEU C 60 13.89 -5.51 14.72
C LEU C 60 14.75 -6.77 14.71
N TYR C 61 14.39 -7.70 13.84
CA TYR C 61 15.21 -8.89 13.57
C TYR C 61 15.38 -9.08 12.07
N ASN C 62 16.60 -8.86 11.59
CA ASN C 62 16.89 -8.96 10.17
C ASN C 62 17.73 -10.19 9.81
N LEU C 63 17.72 -10.55 8.53
CA LEU C 63 18.50 -11.67 8.03
C LEU C 63 18.61 -11.59 6.51
N ILE C 64 19.84 -11.65 6.01
CA ILE C 64 20.07 -11.59 4.57
C ILE C 64 20.56 -12.93 4.04
N ILE C 65 19.76 -13.55 3.17
CA ILE C 65 20.09 -14.87 2.63
C ILE C 65 20.56 -14.76 1.19
N GLU C 68 24.74 -18.09 -2.17
CA GLU C 68 25.75 -18.82 -1.39
C GLU C 68 25.20 -19.22 -0.03
N ASP C 69 24.60 -18.27 0.68
CA ASP C 69 24.10 -18.52 2.02
C ASP C 69 23.01 -19.59 2.02
N PHE C 70 22.16 -19.58 1.01
CA PHE C 70 21.07 -20.54 0.91
C PHE C 70 21.58 -21.96 0.68
N GLN C 71 22.80 -22.09 0.18
CA GLN C 71 23.39 -23.39 -0.07
C GLN C 71 23.68 -24.12 1.25
N SER C 72 24.35 -23.42 2.17
CA SER C 72 24.62 -23.97 3.49
C SER C 72 23.31 -24.23 4.22
N LEU C 73 22.34 -23.34 3.99
CA LEU C 73 21.03 -23.45 4.61
C LEU C 73 20.27 -24.63 4.02
N LYS C 74 20.57 -24.93 2.75
CA LYS C 74 19.92 -26.03 2.05
C LYS C 74 20.45 -27.38 2.54
N VAL C 75 21.72 -27.39 2.93
CA VAL C 75 22.36 -28.60 3.43
C VAL C 75 22.01 -28.86 4.90
N ASP C 82 15.40 -24.52 -4.75
CA ASP C 82 16.53 -23.60 -4.88
C ASP C 82 16.17 -22.21 -4.40
N PHE C 83 17.11 -21.28 -4.51
CA PHE C 83 16.94 -19.90 -4.08
C PHE C 83 15.69 -19.25 -4.71
N THR C 84 15.23 -19.80 -5.83
CA THR C 84 14.07 -19.26 -6.53
C THR C 84 12.75 -19.79 -5.97
N SER C 85 12.71 -21.08 -5.66
CA SER C 85 11.52 -21.71 -5.12
C SER C 85 11.32 -21.35 -3.65
N PHE C 86 12.42 -20.99 -3.00
CA PHE C 86 12.46 -20.79 -1.55
C PHE C 86 11.44 -19.75 -1.04
N PRO C 87 11.48 -18.52 -1.57
CA PRO C 87 10.58 -17.48 -1.08
C PRO C 87 9.12 -17.93 -1.04
N GLN C 88 8.63 -18.50 -2.13
CA GLN C 88 7.23 -18.91 -2.21
C GLN C 88 6.90 -20.02 -1.21
N LYS C 89 7.77 -21.01 -1.10
CA LYS C 89 7.61 -22.08 -0.12
C LYS C 89 7.47 -21.49 1.28
N PHE C 90 8.35 -20.55 1.60
CA PHE C 90 8.31 -19.82 2.86
C PHE C 90 6.95 -19.13 3.00
N ILE C 91 6.59 -18.36 1.98
CA ILE C 91 5.33 -17.62 1.98
C ILE C 91 4.13 -18.54 2.17
N ASP C 92 4.13 -19.67 1.47
CA ASP C 92 3.05 -20.64 1.59
C ASP C 92 2.90 -21.12 3.03
N LEU C 93 4.04 -21.35 3.68
CA LEU C 93 4.05 -21.77 5.07
C LEU C 93 3.47 -20.69 5.97
N LEU C 94 3.84 -19.44 5.71
CA LEU C 94 3.35 -18.30 6.46
C LEU C 94 1.82 -18.19 6.35
N GLU C 95 1.31 -18.31 5.14
CA GLU C 95 -0.13 -18.18 4.89
C GLU C 95 -0.94 -19.18 5.69
N GLN C 96 -0.47 -20.43 5.75
CA GLN C 96 -1.15 -21.47 6.52
C GLN C 96 -1.16 -21.14 8.01
N CYS C 97 -0.04 -20.60 8.49
CA CYS C 97 0.01 -20.10 9.86
C CYS C 97 -1.09 -19.07 10.09
N ILE C 98 -1.22 -18.15 9.15
CA ILE C 98 -2.25 -17.12 9.21
C ILE C 98 -3.66 -17.70 9.28
N CYS C 99 -3.93 -18.67 8.42
CA CYS C 99 -5.27 -19.25 8.30
C CYS C 99 -5.70 -20.03 9.54
N GLU C 100 -4.72 -20.53 10.29
CA GLU C 100 -5.00 -21.35 11.47
C GLU C 100 -5.18 -20.53 12.75
N GLN C 101 -4.81 -19.25 12.68
CA GLN C 101 -4.77 -18.38 13.86
C GLN C 101 -6.04 -18.37 14.70
N ASP C 102 -7.21 -18.25 14.05
CA ASP C 102 -8.47 -18.17 14.77
C ASP C 102 -9.13 -19.54 14.97
N LYS C 103 -8.39 -20.61 14.68
CA LYS C 103 -8.88 -21.95 14.94
C LYS C 103 -8.48 -22.39 16.35
N GLU C 104 -9.00 -23.53 16.79
CA GLU C 104 -8.78 -24.01 18.15
C GLU C 104 -7.49 -24.82 18.28
N ASN C 105 -7.05 -25.44 17.20
CA ASN C 105 -5.82 -26.21 17.19
C ASN C 105 -5.10 -26.13 15.85
N PRO C 106 -4.17 -25.18 15.72
CA PRO C 106 -3.45 -24.89 14.47
C PRO C 106 -2.46 -25.99 14.09
N ARG C 107 -2.71 -26.68 12.99
CA ARG C 107 -1.74 -27.62 12.44
C ARG C 107 -0.44 -26.87 12.21
N PHE C 108 -0.54 -25.72 11.55
CA PHE C 108 0.60 -24.85 11.34
C PHE C 108 0.54 -23.65 12.27
N LEU C 109 1.67 -23.33 12.90
CA LEU C 109 1.76 -22.15 13.74
C LEU C 109 3.20 -21.65 13.78
N LEU C 110 3.36 -20.34 13.89
CA LEU C 110 4.69 -19.72 13.84
C LEU C 110 5.23 -19.49 15.25
N GLN C 111 6.55 -19.59 15.40
CA GLN C 111 7.18 -19.43 16.70
C GLN C 111 8.51 -18.68 16.59
N LEU C 112 8.83 -17.91 17.63
CA LEU C 112 10.09 -17.19 17.69
C LEU C 112 10.71 -17.40 19.07
N SER C 113 11.96 -17.85 19.09
CA SER C 113 12.61 -18.19 20.35
C SER C 113 14.09 -17.79 20.38
N SER C 114 14.61 -17.54 21.58
CA SER C 114 16.02 -17.21 21.75
C SER C 114 16.69 -18.15 22.75
N SER C 122 20.57 -10.54 21.35
CA SER C 122 21.15 -11.80 20.91
C SER C 122 20.29 -12.45 19.83
N PRO C 123 20.90 -13.28 18.96
CA PRO C 123 20.21 -13.97 17.87
C PRO C 123 19.05 -14.84 18.36
N SER C 124 18.01 -14.94 17.54
CA SER C 124 16.84 -15.75 17.85
C SER C 124 16.44 -16.59 16.65
N ASN C 125 15.61 -17.61 16.90
CA ASN C 125 15.21 -18.54 15.84
C ASN C 125 13.73 -18.48 15.49
N LEU C 126 13.43 -18.10 14.25
CA LEU C 126 12.07 -18.13 13.73
C LEU C 126 11.81 -19.48 13.08
N ASN C 127 10.76 -20.17 13.53
CA ASN C 127 10.48 -21.50 13.03
C ASN C 127 9.00 -21.70 12.69
N ILE C 128 8.73 -22.28 11.53
CA ILE C 128 7.37 -22.71 11.18
C ILE C 128 7.17 -24.16 11.61
N VAL C 129 6.19 -24.39 12.46
CA VAL C 129 5.98 -25.71 13.03
C VAL C 129 4.60 -26.27 12.72
N GLU C 130 4.57 -27.53 12.28
CA GLU C 130 3.32 -28.25 12.14
C GLU C 130 3.12 -29.16 13.34
N THR C 131 1.98 -29.03 14.01
CA THR C 131 1.72 -29.77 15.23
C THR C 131 0.84 -30.99 14.99
N LEU C 140 10.56 -25.33 8.99
CA LEU C 140 11.71 -24.48 8.74
C LEU C 140 12.22 -23.79 10.01
N SER C 141 13.44 -23.29 9.93
CA SER C 141 14.08 -22.62 11.06
C SER C 141 15.10 -21.61 10.55
N LEU C 142 14.97 -20.36 11.00
CA LEU C 142 15.88 -19.29 10.58
C LEU C 142 16.56 -18.64 11.78
N LYS C 143 17.87 -18.47 11.70
CA LYS C 143 18.61 -17.82 12.77
C LYS C 143 18.64 -16.32 12.55
N LEU C 144 17.60 -15.64 13.04
CA LEU C 144 17.46 -14.20 12.86
C LEU C 144 18.43 -13.41 13.74
N LEU C 145 18.93 -12.31 13.20
CA LEU C 145 19.84 -11.43 13.92
C LEU C 145 19.10 -10.23 14.47
N PRO C 146 19.41 -9.81 15.72
CA PRO C 146 18.78 -8.62 16.29
C PRO C 146 19.20 -7.37 15.53
N GLY C 147 18.25 -6.47 15.29
CA GLY C 147 18.50 -5.28 14.50
C GLY C 147 19.72 -4.49 14.94
#